data_1L6X
#
_entry.id   1L6X
#
_cell.length_a   54.023
_cell.length_b   124.774
_cell.length_c   90.131
_cell.angle_alpha   90.00
_cell.angle_beta   90.00
_cell.angle_gamma   90.00
#
_symmetry.space_group_name_H-M   'C 2 2 21'
#
loop_
_entity.id
_entity.type
_entity.pdbx_description
1 polymer 'IMMUNOGLOBULIN GAMMA-1 HEAVY CHAIN CONSTANT REGION'
2 polymer 'Minimized B-domain of Protein A Z34C'
3 branched beta-D-galactopyranose-(1-4)-2-acetamido-2-deoxy-beta-D-glucopyranose-(1-2)-alpha-D-mannopyranose-(1-3)-[beta-D-galactopyranose-(1-4)-2-acetamido-2-deoxy-beta-D-glucopyranose-(1-2)-alpha-D-mannopyranose-(1-6)]beta-D-mannopyranose-(1-4)-2-acetamido-2-deoxy-beta-D-glucopyranose-(1-4)-[beta-L-fucopyranose-(1-6)]2-acetamido-2-deoxy-beta-D-glucopyranose
4 water water
#
loop_
_entity_poly.entity_id
_entity_poly.type
_entity_poly.pdbx_seq_one_letter_code
_entity_poly.pdbx_strand_id
1 'polypeptide(L)'
;GPSVFLFPPKPKDTLMISRTPEVTCVVVDVSHEDPEVKFNWYVDGVEVHNAKTKPREEQYNSTYRVVSVLTVLHQDWLNG
KEYKCKVSNKALPAPIEKTISKAKGQPREPQVYTLPPSRDELTKNQVSLTCLVKGFYPSDIAVEWESNGQPENNYKTTPP
VLDSDGSFFLYSKLTVDKSRWQQGNVFSCSVMHEALHNHYTQKSLSL
;
A
2 'polypeptide(L)' FNMQCQRRFYEALHDPNLNEEQRNAKIKSIRDDC B
#
# COMPACT_ATOMS: atom_id res chain seq x y z
N GLY A 1 2.49 -29.44 10.25
CA GLY A 1 3.90 -28.98 10.40
C GLY A 1 3.99 -27.46 10.38
N PRO A 2 4.54 -26.87 9.29
CA PRO A 2 4.67 -25.40 9.18
C PRO A 2 3.34 -24.69 8.90
N SER A 3 3.33 -23.37 9.14
CA SER A 3 2.15 -22.53 8.90
C SER A 3 2.50 -21.49 7.84
N VAL A 4 1.48 -20.99 7.16
CA VAL A 4 1.65 -20.00 6.12
C VAL A 4 0.77 -18.76 6.26
N PHE A 5 1.37 -17.60 6.03
CA PHE A 5 0.68 -16.31 6.11
C PHE A 5 1.06 -15.55 4.86
N LEU A 6 0.05 -15.06 4.14
CA LEU A 6 0.21 -14.34 2.88
C LEU A 6 -0.13 -12.86 3.07
N PHE A 7 0.79 -11.97 2.72
CA PHE A 7 0.62 -10.53 2.91
C PHE A 7 0.54 -9.72 1.61
N PRO A 8 -0.34 -8.69 1.57
CA PRO A 8 -0.47 -7.89 0.36
C PRO A 8 0.59 -6.82 0.29
N PRO A 9 0.61 -6.06 -0.81
CA PRO A 9 1.59 -4.98 -0.95
C PRO A 9 1.05 -3.84 -0.10
N LYS A 10 1.88 -2.82 0.10
CA LYS A 10 1.45 -1.64 0.83
C LYS A 10 0.59 -0.88 -0.17
N PRO A 11 -0.52 -0.25 0.29
CA PRO A 11 -1.40 0.52 -0.61
C PRO A 11 -0.63 1.48 -1.53
N LYS A 12 0.35 2.18 -0.99
CA LYS A 12 1.14 3.13 -1.79
C LYS A 12 1.89 2.50 -2.95
N ASP A 13 2.42 1.29 -2.74
CA ASP A 13 3.19 0.57 -3.75
C ASP A 13 2.44 0.18 -5.00
N THR A 14 1.13 -0.08 -4.90
CA THR A 14 0.37 -0.45 -6.10
C THR A 14 -0.17 0.79 -6.79
N LEU A 15 -0.18 1.92 -6.09
CA LEU A 15 -0.72 3.17 -6.65
C LEU A 15 0.29 4.06 -7.36
N MET A 16 1.54 3.99 -6.92
CA MET A 16 2.58 4.84 -7.50
C MET A 16 3.49 4.01 -8.40
N ILE A 17 3.58 4.44 -9.65
CA ILE A 17 4.38 3.71 -10.62
C ILE A 17 5.85 3.68 -10.26
N SER A 18 6.27 4.62 -9.43
CA SER A 18 7.68 4.68 -9.00
C SER A 18 8.01 3.51 -8.04
N ARG A 19 6.98 2.92 -7.44
CA ARG A 19 7.15 1.83 -6.47
C ARG A 19 6.99 0.44 -7.11
N THR A 20 7.42 -0.59 -6.39
CA THR A 20 7.33 -1.94 -6.89
C THR A 20 6.58 -2.71 -5.83
N PRO A 21 5.31 -3.00 -6.10
CA PRO A 21 4.50 -3.73 -5.14
C PRO A 21 4.89 -5.21 -5.07
N GLU A 22 4.86 -5.76 -3.85
CA GLU A 22 5.20 -7.18 -3.61
C GLU A 22 4.15 -7.86 -2.77
N VAL A 23 3.98 -9.16 -2.99
CA VAL A 23 3.07 -9.97 -2.19
C VAL A 23 4.09 -10.87 -1.47
N THR A 24 3.87 -11.14 -0.20
CA THR A 24 4.82 -11.92 0.59
C THR A 24 4.18 -13.14 1.23
N CYS A 25 4.76 -14.29 0.96
CA CYS A 25 4.29 -15.54 1.51
C CYS A 25 5.28 -15.99 2.57
N VAL A 26 4.81 -15.96 3.81
CA VAL A 26 5.63 -16.31 4.96
C VAL A 26 5.32 -17.69 5.55
N VAL A 27 6.37 -18.50 5.70
CA VAL A 27 6.23 -19.84 6.28
C VAL A 27 7.00 -19.91 7.61
N VAL A 28 6.30 -20.24 8.67
CA VAL A 28 6.90 -20.37 10.01
C VAL A 28 6.77 -21.82 10.47
N ASP A 29 7.46 -22.17 11.55
CA ASP A 29 7.42 -23.51 12.11
C ASP A 29 7.94 -24.59 11.15
N VAL A 30 8.95 -24.23 10.36
CA VAL A 30 9.59 -25.17 9.43
C VAL A 30 10.60 -25.83 10.37
N SER A 31 10.62 -27.16 10.41
CA SER A 31 11.53 -27.84 11.32
C SER A 31 12.94 -28.08 10.76
N HIS A 32 13.87 -28.32 11.68
CA HIS A 32 15.25 -28.63 11.34
C HIS A 32 15.23 -29.93 10.54
N GLU A 33 14.38 -30.85 11.03
CA GLU A 33 14.19 -32.19 10.45
C GLU A 33 13.80 -32.20 8.99
N ASP A 34 12.76 -31.44 8.66
CA ASP A 34 12.24 -31.34 7.31
C ASP A 34 12.30 -29.88 6.94
N PRO A 35 13.49 -29.35 6.58
CA PRO A 35 13.76 -27.96 6.21
C PRO A 35 13.42 -27.51 4.78
N GLU A 36 13.22 -28.47 3.88
CA GLU A 36 12.88 -28.16 2.48
C GLU A 36 11.50 -27.50 2.37
N VAL A 37 11.48 -26.31 1.78
CA VAL A 37 10.25 -25.55 1.58
C VAL A 37 10.16 -25.13 0.11
N LYS A 38 9.12 -25.58 -0.57
CA LYS A 38 8.95 -25.21 -1.96
C LYS A 38 7.76 -24.28 -2.15
N PHE A 39 7.94 -23.27 -2.97
CA PHE A 39 6.90 -22.29 -3.25
C PHE A 39 6.49 -22.39 -4.68
N ASN A 40 5.19 -22.25 -4.92
CA ASN A 40 4.63 -22.20 -6.28
C ASN A 40 3.68 -21.00 -6.21
N TRP A 41 3.72 -20.14 -7.23
CA TRP A 41 2.91 -18.92 -7.26
C TRP A 41 2.03 -18.84 -8.48
N TYR A 42 0.78 -18.42 -8.29
CA TYR A 42 -0.11 -18.30 -9.44
C TYR A 42 -0.90 -17.02 -9.40
N VAL A 43 -1.14 -16.46 -10.57
CA VAL A 43 -1.92 -15.24 -10.68
C VAL A 43 -3.18 -15.67 -11.42
N ASP A 44 -4.31 -15.60 -10.75
CA ASP A 44 -5.57 -16.03 -11.36
C ASP A 44 -5.38 -17.46 -11.88
N GLY A 45 -4.66 -18.28 -11.13
CA GLY A 45 -4.45 -19.66 -11.52
C GLY A 45 -3.31 -19.98 -12.46
N VAL A 46 -2.72 -18.97 -13.08
CA VAL A 46 -1.60 -19.19 -13.99
C VAL A 46 -0.27 -19.08 -13.22
N GLU A 47 0.50 -20.16 -13.17
CA GLU A 47 1.76 -20.14 -12.45
C GLU A 47 2.72 -19.06 -12.93
N VAL A 48 3.42 -18.44 -12.00
CA VAL A 48 4.38 -17.38 -12.31
C VAL A 48 5.73 -17.78 -11.73
N HIS A 49 6.81 -17.24 -12.31
CA HIS A 49 8.14 -17.65 -11.89
C HIS A 49 9.12 -16.57 -11.47
N ASN A 50 8.65 -15.38 -11.20
CA ASN A 50 9.55 -14.31 -10.78
C ASN A 50 9.70 -14.22 -9.26
N ALA A 51 9.14 -15.17 -8.52
CA ALA A 51 9.24 -15.14 -7.07
C ALA A 51 10.67 -15.41 -6.60
N LYS A 52 11.08 -14.71 -5.53
CA LYS A 52 12.40 -14.87 -4.99
C LYS A 52 12.31 -15.13 -3.50
N THR A 53 12.98 -16.18 -3.05
CA THR A 53 12.99 -16.54 -1.65
C THR A 53 14.16 -15.80 -1.00
N LYS A 54 13.91 -15.21 0.17
CA LYS A 54 14.92 -14.47 0.91
C LYS A 54 15.70 -15.44 1.81
N PRO A 55 16.87 -15.01 2.31
CA PRO A 55 17.62 -15.91 3.17
C PRO A 55 16.77 -16.26 4.36
N ARG A 56 16.65 -17.55 4.65
CA ARG A 56 15.84 -17.99 5.80
C ARG A 56 16.60 -17.64 7.06
N GLU A 57 15.88 -17.59 8.19
CA GLU A 57 16.51 -17.27 9.47
C GLU A 57 15.89 -18.12 10.55
N GLU A 58 16.74 -18.77 11.33
CA GLU A 58 16.22 -19.61 12.38
C GLU A 58 15.66 -18.72 13.46
N GLN A 59 14.64 -19.22 14.16
CA GLN A 59 13.99 -18.46 15.20
C GLN A 59 14.34 -18.90 16.63
N TYR A 60 14.19 -17.96 17.55
CA TYR A 60 14.46 -18.15 18.96
C TYR A 60 13.83 -19.41 19.50
N ASN A 61 12.84 -19.93 18.79
CA ASN A 61 12.14 -21.14 19.23
C ASN A 61 12.59 -22.37 18.43
N SER A 62 13.74 -22.23 17.77
CA SER A 62 14.35 -23.30 16.98
C SER A 62 13.59 -23.87 15.78
N THR A 63 12.95 -22.99 15.03
CA THR A 63 12.23 -23.36 13.81
C THR A 63 12.78 -22.42 12.75
N TYR A 64 12.50 -22.72 11.50
CA TYR A 64 12.95 -21.88 10.41
C TYR A 64 11.78 -20.99 9.97
N ARG A 65 12.08 -19.75 9.59
CA ARG A 65 11.09 -18.82 9.03
C ARG A 65 11.62 -18.63 7.60
N VAL A 66 10.80 -19.00 6.61
CA VAL A 66 11.14 -18.93 5.18
C VAL A 66 10.13 -18.00 4.49
N VAL A 67 10.65 -17.06 3.68
CA VAL A 67 9.80 -16.06 3.00
C VAL A 67 10.02 -16.00 1.49
N SER A 68 8.94 -16.03 0.73
CA SER A 68 9.04 -15.89 -0.72
C SER A 68 8.37 -14.57 -1.07
N VAL A 69 9.07 -13.73 -1.82
CA VAL A 69 8.54 -12.43 -2.25
C VAL A 69 8.24 -12.43 -3.74
N LEU A 70 7.02 -12.06 -4.08
CA LEU A 70 6.57 -12.01 -5.48
C LEU A 70 6.28 -10.59 -5.92
N THR A 71 7.06 -10.05 -6.84
CA THR A 71 6.76 -8.70 -7.30
C THR A 71 5.55 -8.80 -8.21
N VAL A 72 4.67 -7.82 -8.13
CA VAL A 72 3.46 -7.82 -8.95
C VAL A 72 3.29 -6.53 -9.75
N LEU A 73 2.46 -6.57 -10.81
CA LEU A 73 2.21 -5.38 -11.61
C LEU A 73 1.09 -4.60 -10.93
N HIS A 74 1.30 -3.29 -10.79
CA HIS A 74 0.31 -2.41 -10.15
C HIS A 74 -1.12 -2.65 -10.71
N GLN A 75 -1.25 -2.69 -12.04
CA GLN A 75 -2.54 -2.89 -12.72
C GLN A 75 -3.25 -4.20 -12.33
N ASP A 76 -2.48 -5.27 -12.22
CA ASP A 76 -3.07 -6.55 -11.89
C ASP A 76 -3.70 -6.55 -10.51
N TRP A 77 -2.97 -6.02 -9.53
CA TRP A 77 -3.55 -5.97 -8.18
C TRP A 77 -4.79 -5.08 -8.21
N LEU A 78 -4.67 -3.88 -8.75
CA LEU A 78 -5.80 -2.95 -8.81
C LEU A 78 -6.98 -3.49 -9.60
N ASN A 79 -6.70 -4.33 -10.59
CA ASN A 79 -7.77 -4.89 -11.40
C ASN A 79 -8.30 -6.19 -10.85
N GLY A 80 -7.99 -6.46 -9.59
CA GLY A 80 -8.50 -7.63 -8.89
C GLY A 80 -7.93 -9.03 -9.11
N LYS A 81 -6.77 -9.16 -9.74
CA LYS A 81 -6.22 -10.50 -9.92
C LYS A 81 -5.92 -11.15 -8.58
N GLU A 82 -6.07 -12.47 -8.57
CA GLU A 82 -5.87 -13.33 -7.39
C GLU A 82 -4.48 -13.92 -7.35
N TYR A 83 -3.81 -13.71 -6.22
CA TYR A 83 -2.46 -14.22 -6.05
C TYR A 83 -2.47 -15.39 -5.09
N LYS A 84 -2.02 -16.54 -5.58
CA LYS A 84 -1.99 -17.74 -4.76
C LYS A 84 -0.57 -18.22 -4.47
N CYS A 85 -0.28 -18.45 -3.19
CA CYS A 85 1.03 -18.96 -2.81
C CYS A 85 0.84 -20.40 -2.37
N LYS A 86 1.56 -21.32 -3.03
CA LYS A 86 1.50 -22.75 -2.71
C LYS A 86 2.79 -23.17 -2.02
N VAL A 87 2.68 -23.67 -0.80
CA VAL A 87 3.85 -24.06 -0.02
C VAL A 87 3.88 -25.58 0.23
N SER A 88 5.00 -26.18 -0.18
CA SER A 88 5.19 -27.61 -0.04
C SER A 88 6.30 -27.92 0.96
N ASN A 89 5.99 -28.86 1.87
CA ASN A 89 6.94 -29.27 2.89
C ASN A 89 6.58 -30.67 3.32
N LYS A 90 7.58 -31.46 3.72
CA LYS A 90 7.36 -32.85 4.12
C LYS A 90 6.58 -33.07 5.41
N ALA A 91 6.49 -32.05 6.24
CA ALA A 91 5.75 -32.21 7.48
C ALA A 91 4.26 -31.98 7.26
N LEU A 92 3.86 -31.72 6.01
CA LEU A 92 2.46 -31.49 5.69
C LEU A 92 1.78 -32.66 4.99
N PRO A 93 0.51 -32.94 5.35
CA PRO A 93 -0.13 -34.06 4.67
C PRO A 93 -0.18 -33.64 3.19
N ALA A 94 -0.41 -32.34 2.99
CA ALA A 94 -0.48 -31.77 1.65
C ALA A 94 0.02 -30.31 1.60
N PRO A 95 0.27 -29.77 0.39
CA PRO A 95 0.75 -28.38 0.30
C PRO A 95 -0.31 -27.44 0.87
N ILE A 96 0.13 -26.32 1.45
CA ILE A 96 -0.81 -25.32 1.99
C ILE A 96 -0.93 -24.23 0.95
N GLU A 97 -2.15 -23.87 0.60
CA GLU A 97 -2.40 -22.82 -0.37
C GLU A 97 -3.08 -21.63 0.27
N LYS A 98 -2.52 -20.44 0.06
CA LYS A 98 -3.09 -19.20 0.61
C LYS A 98 -3.32 -18.31 -0.58
N THR A 99 -4.46 -17.62 -0.58
CA THR A 99 -4.83 -16.72 -1.68
C THR A 99 -5.17 -15.30 -1.17
N ILE A 100 -4.83 -14.30 -1.96
CA ILE A 100 -5.14 -12.92 -1.60
C ILE A 100 -5.37 -12.06 -2.83
N SER A 101 -6.11 -10.99 -2.65
CA SER A 101 -6.43 -10.05 -3.72
C SER A 101 -7.06 -8.81 -3.10
N LYS A 102 -7.12 -7.74 -3.90
CA LYS A 102 -7.70 -6.49 -3.46
C LYS A 102 -9.16 -6.69 -3.09
N ALA A 103 -9.64 -5.97 -2.10
CA ALA A 103 -11.03 -6.12 -1.69
C ALA A 103 -11.95 -5.80 -2.88
N LYS A 104 -13.08 -6.50 -2.94
CA LYS A 104 -14.07 -6.29 -4.00
C LYS A 104 -15.05 -5.14 -3.68
N GLY A 105 -15.67 -4.58 -4.73
CA GLY A 105 -16.61 -3.49 -4.53
C GLY A 105 -16.17 -2.27 -5.31
N GLN A 106 -17.13 -1.47 -5.75
CA GLN A 106 -16.81 -0.28 -6.51
C GLN A 106 -15.99 0.71 -5.67
N PRO A 107 -14.85 1.18 -6.19
CA PRO A 107 -14.07 2.13 -5.40
C PRO A 107 -14.81 3.46 -5.25
N ARG A 108 -14.59 4.14 -4.12
CA ARG A 108 -15.24 5.42 -3.86
C ARG A 108 -14.14 6.41 -3.55
N GLU A 109 -14.29 7.60 -4.09
CA GLU A 109 -13.29 8.64 -3.96
C GLU A 109 -13.20 9.27 -2.58
N PRO A 110 -11.99 9.37 -2.01
CA PRO A 110 -11.83 9.98 -0.69
C PRO A 110 -12.02 11.50 -0.75
N GLN A 111 -12.67 12.06 0.25
CA GLN A 111 -12.85 13.50 0.36
C GLN A 111 -11.78 13.83 1.40
N VAL A 112 -10.97 14.84 1.11
CA VAL A 112 -9.86 15.22 1.98
C VAL A 112 -10.08 16.59 2.62
N TYR A 113 -10.10 16.64 3.96
CA TYR A 113 -10.34 17.90 4.66
C TYR A 113 -9.27 18.24 5.71
N THR A 114 -8.61 19.39 5.55
CA THR A 114 -7.62 19.79 6.53
C THR A 114 -8.26 20.70 7.57
N LEU A 115 -7.90 20.47 8.83
CA LEU A 115 -8.47 21.21 9.94
C LEU A 115 -7.33 21.78 10.81
N PRO A 116 -7.39 23.09 11.10
CA PRO A 116 -6.36 23.73 11.91
C PRO A 116 -6.49 23.32 13.39
N PRO A 117 -5.50 23.70 14.22
CA PRO A 117 -5.61 23.33 15.63
C PRO A 117 -6.74 24.09 16.32
N SER A 118 -7.27 23.49 17.38
CA SER A 118 -8.31 24.09 18.20
C SER A 118 -7.63 25.24 18.94
N ARG A 119 -8.34 26.34 19.21
CA ARG A 119 -7.70 27.46 19.90
C ARG A 119 -7.22 27.01 21.27
N ASP A 120 -7.98 26.10 21.89
CA ASP A 120 -7.64 25.54 23.20
C ASP A 120 -6.27 24.90 23.23
N GLU A 121 -5.79 24.46 22.07
CA GLU A 121 -4.46 23.83 21.98
C GLU A 121 -3.31 24.85 21.90
N LEU A 122 -3.62 26.14 21.81
CA LEU A 122 -2.57 27.16 21.69
C LEU A 122 -1.82 27.45 22.98
N THR A 123 -2.26 26.81 24.06
CA THR A 123 -1.59 26.97 25.35
C THR A 123 -0.33 26.07 25.39
N LYS A 124 -0.23 25.16 24.41
CA LYS A 124 0.90 24.25 24.33
C LYS A 124 1.94 24.74 23.32
N ASN A 125 3.14 24.15 23.37
CA ASN A 125 4.25 24.52 22.49
C ASN A 125 4.21 23.76 21.17
N GLN A 126 3.30 22.79 21.09
CA GLN A 126 3.13 21.97 19.89
C GLN A 126 1.65 21.94 19.58
N VAL A 127 1.30 22.00 18.30
CA VAL A 127 -0.10 21.98 17.92
C VAL A 127 -0.37 20.85 16.96
N SER A 128 -1.64 20.51 16.80
CA SER A 128 -2.02 19.40 15.94
C SER A 128 -2.67 19.86 14.66
N LEU A 129 -2.12 19.44 13.53
CA LEU A 129 -2.69 19.75 12.23
C LEU A 129 -3.40 18.44 11.81
N THR A 130 -4.69 18.56 11.52
CA THR A 130 -5.51 17.41 11.22
C THR A 130 -5.95 17.23 9.79
N CYS A 131 -5.85 16.00 9.29
CA CYS A 131 -6.30 15.71 7.93
C CYS A 131 -7.32 14.58 8.03
N LEU A 132 -8.58 14.92 7.74
CA LEU A 132 -9.68 13.98 7.74
C LEU A 132 -9.85 13.51 6.31
N VAL A 133 -9.94 12.21 6.12
CA VAL A 133 -10.10 11.62 4.79
C VAL A 133 -11.26 10.68 4.98
N LYS A 134 -12.35 10.93 4.26
CA LYS A 134 -13.55 10.11 4.43
C LYS A 134 -14.20 9.69 3.12
N GLY A 135 -15.14 8.77 3.23
CA GLY A 135 -15.90 8.28 2.09
C GLY A 135 -15.15 7.46 1.06
N PHE A 136 -14.00 6.88 1.43
CA PHE A 136 -13.22 6.08 0.49
C PHE A 136 -13.42 4.58 0.56
N TYR A 137 -13.17 3.91 -0.56
CA TYR A 137 -13.29 2.46 -0.68
C TYR A 137 -12.45 2.02 -1.89
N PRO A 138 -11.65 0.92 -1.77
CA PRO A 138 -11.43 0.06 -0.60
C PRO A 138 -10.71 0.83 0.50
N SER A 139 -10.50 0.18 1.65
CA SER A 139 -9.82 0.84 2.76
C SER A 139 -8.32 1.06 2.53
N ASP A 140 -7.80 0.56 1.41
CA ASP A 140 -6.38 0.71 1.12
C ASP A 140 -6.11 2.16 0.78
N ILE A 141 -5.25 2.81 1.55
CA ILE A 141 -4.95 4.22 1.30
C ILE A 141 -3.61 4.60 1.95
N ALA A 142 -3.01 5.69 1.49
CA ALA A 142 -1.75 6.17 2.07
C ALA A 142 -1.86 7.66 2.28
N VAL A 143 -1.39 8.13 3.44
CA VAL A 143 -1.45 9.57 3.76
C VAL A 143 -0.09 10.04 4.28
N GLU A 144 0.36 11.20 3.80
CA GLU A 144 1.65 11.79 4.17
C GLU A 144 1.53 13.30 4.31
N TRP A 145 2.51 13.93 4.93
CA TRP A 145 2.50 15.37 5.08
C TRP A 145 3.80 15.99 4.63
N GLU A 146 3.71 17.22 4.14
CA GLU A 146 4.89 17.93 3.73
C GLU A 146 4.75 19.41 3.95
N SER A 147 5.87 20.12 3.80
CA SER A 147 5.92 21.56 3.96
C SER A 147 7.06 22.11 3.10
N ASN A 148 6.78 23.16 2.35
CA ASN A 148 7.78 23.80 1.51
C ASN A 148 8.32 22.92 0.40
N GLY A 149 7.82 21.69 0.33
CA GLY A 149 8.28 20.77 -0.69
C GLY A 149 9.06 19.64 -0.07
N GLN A 150 9.14 19.63 1.25
CA GLN A 150 9.86 18.59 1.97
C GLN A 150 8.90 17.82 2.88
N PRO A 151 9.25 16.58 3.25
CA PRO A 151 8.42 15.73 4.10
C PRO A 151 8.38 15.92 5.61
N GLU A 152 7.26 16.43 6.09
CA GLU A 152 7.04 16.62 7.52
C GLU A 152 6.87 15.18 7.98
N ASN A 153 7.70 14.74 8.90
CA ASN A 153 7.58 13.36 9.33
C ASN A 153 7.00 13.11 10.73
N ASN A 154 6.82 14.17 11.51
CA ASN A 154 6.28 13.97 12.85
C ASN A 154 4.75 13.81 12.86
N TYR A 155 4.26 12.80 12.14
CA TYR A 155 2.83 12.54 12.08
C TYR A 155 2.46 11.09 12.35
N LYS A 156 1.21 10.87 12.71
CA LYS A 156 0.65 9.54 12.98
C LYS A 156 -0.74 9.55 12.36
N THR A 157 -1.09 8.43 11.76
CA THR A 157 -2.38 8.26 11.10
C THR A 157 -3.14 7.07 11.69
N THR A 158 -4.43 7.28 11.95
CA THR A 158 -5.26 6.21 12.49
C THR A 158 -5.53 5.17 11.39
N PRO A 159 -5.83 3.95 11.80
CA PRO A 159 -6.14 2.94 10.79
C PRO A 159 -7.49 3.36 10.20
N PRO A 160 -7.84 2.81 9.03
CA PRO A 160 -9.14 3.15 8.41
C PRO A 160 -10.24 2.64 9.34
N VAL A 161 -11.35 3.35 9.38
CA VAL A 161 -12.47 2.95 10.23
C VAL A 161 -13.69 2.81 9.33
N LEU A 162 -14.43 1.72 9.48
CA LEU A 162 -15.63 1.52 8.67
C LEU A 162 -16.73 2.52 9.11
N ASP A 163 -17.23 3.30 8.15
CA ASP A 163 -18.30 4.27 8.42
C ASP A 163 -19.71 3.61 8.25
N SER A 164 -20.76 4.34 8.60
CA SER A 164 -22.13 3.80 8.53
C SER A 164 -22.64 3.55 7.11
N ASP A 165 -21.97 4.12 6.10
CA ASP A 165 -22.37 3.91 4.71
C ASP A 165 -21.51 2.89 3.96
N GLY A 166 -20.70 2.13 4.68
CA GLY A 166 -19.87 1.15 4.00
C GLY A 166 -18.55 1.68 3.45
N SER A 167 -18.32 2.99 3.52
CA SER A 167 -17.04 3.54 3.08
C SER A 167 -16.16 3.61 4.35
N PHE A 168 -14.93 4.10 4.20
CA PHE A 168 -14.04 4.19 5.35
C PHE A 168 -13.61 5.62 5.55
N PHE A 169 -13.12 5.92 6.74
CA PHE A 169 -12.53 7.23 6.99
C PHE A 169 -11.33 7.03 7.92
N LEU A 170 -10.50 8.07 8.02
CA LEU A 170 -9.36 8.04 8.95
C LEU A 170 -8.96 9.49 9.20
N TYR A 171 -8.08 9.69 10.18
CA TYR A 171 -7.56 11.02 10.49
C TYR A 171 -6.04 10.88 10.58
N SER A 172 -5.33 11.89 10.09
CA SER A 172 -3.88 11.92 10.18
C SER A 172 -3.59 13.17 10.98
N LYS A 173 -2.72 13.04 11.98
CA LYS A 173 -2.37 14.15 12.84
C LYS A 173 -0.90 14.45 12.73
N LEU A 174 -0.58 15.64 12.24
CA LEU A 174 0.80 16.10 12.11
C LEU A 174 1.04 17.03 13.28
N THR A 175 2.10 16.77 14.03
CA THR A 175 2.40 17.64 15.16
C THR A 175 3.61 18.53 14.81
N VAL A 176 3.44 19.84 15.01
CA VAL A 176 4.51 20.79 14.74
C VAL A 176 4.66 21.81 15.87
N ASP A 177 5.83 22.46 15.92
CA ASP A 177 6.07 23.47 16.93
C ASP A 177 5.07 24.57 16.64
N LYS A 178 4.42 25.06 17.69
CA LYS A 178 3.43 26.12 17.54
C LYS A 178 3.97 27.31 16.75
N SER A 179 5.23 27.68 17.00
CA SER A 179 5.80 28.81 16.28
C SER A 179 5.68 28.64 14.76
N ARG A 180 6.08 27.48 14.27
CA ARG A 180 6.03 27.19 12.83
C ARG A 180 4.65 27.43 12.23
N TRP A 181 3.62 27.13 13.01
CA TRP A 181 2.25 27.31 12.54
C TRP A 181 1.89 28.79 12.60
N GLN A 182 2.27 29.41 13.71
CA GLN A 182 1.96 30.81 13.92
C GLN A 182 2.67 31.72 12.92
N GLN A 183 3.81 31.26 12.41
CA GLN A 183 4.56 32.04 11.44
C GLN A 183 3.99 32.04 10.02
N GLY A 184 2.93 31.27 9.79
CA GLY A 184 2.31 31.26 8.48
C GLY A 184 2.77 30.18 7.53
N ASN A 185 3.61 29.27 8.03
CA ASN A 185 4.09 28.19 7.18
C ASN A 185 2.94 27.34 6.67
N VAL A 186 3.06 26.90 5.43
CA VAL A 186 2.02 26.10 4.78
C VAL A 186 2.36 24.63 4.82
N PHE A 187 1.38 23.83 5.21
CA PHE A 187 1.56 22.40 5.28
C PHE A 187 0.61 21.73 4.29
N SER A 188 0.94 20.51 3.93
CA SER A 188 0.10 19.79 3.00
C SER A 188 -0.08 18.35 3.36
N CYS A 189 -1.33 17.93 3.25
CA CYS A 189 -1.71 16.55 3.49
C CYS A 189 -1.86 15.91 2.09
N SER A 190 -1.04 14.90 1.81
CA SER A 190 -1.09 14.19 0.54
C SER A 190 -1.82 12.87 0.74
N VAL A 191 -2.75 12.57 -0.16
CA VAL A 191 -3.50 11.34 -0.04
C VAL A 191 -3.41 10.57 -1.33
N MET A 192 -3.15 9.27 -1.22
CA MET A 192 -3.05 8.40 -2.40
C MET A 192 -4.08 7.29 -2.26
N HIS A 193 -4.94 7.18 -3.25
CA HIS A 193 -5.98 6.16 -3.23
C HIS A 193 -6.33 5.84 -4.71
N GLU A 194 -6.76 4.61 -4.97
CA GLU A 194 -7.12 4.16 -6.31
C GLU A 194 -8.21 5.01 -6.96
N ALA A 195 -9.16 5.49 -6.14
CA ALA A 195 -10.29 6.29 -6.66
C ALA A 195 -10.03 7.80 -6.84
N LEU A 196 -8.76 8.21 -6.75
CA LEU A 196 -8.41 9.61 -6.97
C LEU A 196 -7.73 9.69 -8.34
N HIS A 197 -7.95 10.80 -9.04
CA HIS A 197 -7.31 11.03 -10.33
C HIS A 197 -5.80 11.03 -10.04
N ASN A 198 -5.05 10.31 -10.86
CA ASN A 198 -3.59 10.18 -10.74
C ASN A 198 -3.21 9.45 -9.46
N HIS A 199 -4.21 8.91 -8.76
CA HIS A 199 -4.05 8.22 -7.47
C HIS A 199 -3.42 9.19 -6.47
N TYR A 200 -3.63 10.48 -6.67
CA TYR A 200 -2.98 11.46 -5.80
C TYR A 200 -3.66 12.81 -5.73
N THR A 201 -3.77 13.32 -4.50
CA THR A 201 -4.32 14.65 -4.25
C THR A 201 -3.63 15.23 -3.01
N GLN A 202 -3.61 16.56 -2.93
CA GLN A 202 -3.00 17.27 -1.83
C GLN A 202 -3.90 18.42 -1.36
N LYS A 203 -3.99 18.63 -0.05
CA LYS A 203 -4.80 19.71 0.50
C LYS A 203 -3.93 20.47 1.46
N SER A 204 -3.90 21.78 1.30
CA SER A 204 -3.06 22.58 2.17
C SER A 204 -3.73 23.08 3.43
N LEU A 205 -2.89 23.46 4.37
CA LEU A 205 -3.35 23.95 5.67
C LEU A 205 -2.34 24.98 6.18
N SER A 206 -2.84 26.16 6.50
CA SER A 206 -1.99 27.22 7.03
C SER A 206 -2.85 28.24 7.74
N LEU A 207 -2.18 29.08 8.54
CA LEU A 207 -2.88 30.12 9.26
C LEU A 207 -3.01 31.33 8.34
N PHE B 1 8.55 11.97 -6.00
CA PHE B 1 8.41 11.14 -7.22
C PHE B 1 8.16 12.04 -8.44
N ASN B 2 8.34 11.50 -9.63
CA ASN B 2 8.11 12.28 -10.83
C ASN B 2 6.61 12.23 -11.14
N MET B 3 5.93 13.35 -10.96
CA MET B 3 4.49 13.42 -11.20
C MET B 3 4.11 13.16 -12.66
N GLN B 4 4.98 13.56 -13.58
CA GLN B 4 4.73 13.34 -15.00
C GLN B 4 4.50 11.85 -15.23
N CYS B 5 5.44 11.04 -14.75
CA CYS B 5 5.38 9.60 -14.89
C CYS B 5 4.12 9.03 -14.25
N GLN B 6 3.76 9.54 -13.08
CA GLN B 6 2.58 9.08 -12.39
C GLN B 6 1.33 9.41 -13.21
N ARG B 7 1.31 10.59 -13.85
CA ARG B 7 0.17 11.00 -14.67
C ARG B 7 0.03 10.06 -15.88
N ARG B 8 1.15 9.78 -16.55
CA ARG B 8 1.12 8.88 -17.69
C ARG B 8 0.71 7.48 -17.29
N PHE B 9 1.14 7.05 -16.10
CA PHE B 9 0.77 5.73 -15.62
C PHE B 9 -0.74 5.62 -15.45
N TYR B 10 -1.32 6.60 -14.76
CA TYR B 10 -2.74 6.64 -14.48
C TYR B 10 -3.55 6.74 -15.76
N GLU B 11 -3.07 7.54 -16.71
CA GLU B 11 -3.73 7.69 -18.01
C GLU B 11 -3.74 6.35 -18.77
N ALA B 12 -2.62 5.65 -18.80
CA ALA B 12 -2.56 4.36 -19.50
C ALA B 12 -3.41 3.30 -18.80
N LEU B 13 -3.44 3.35 -17.47
CA LEU B 13 -4.23 2.39 -16.69
C LEU B 13 -5.73 2.53 -17.00
N HIS B 14 -6.18 3.74 -17.28
CA HIS B 14 -7.59 3.99 -17.55
C HIS B 14 -7.97 4.23 -18.99
N ASP B 15 -7.01 4.16 -19.90
CA ASP B 15 -7.31 4.38 -21.33
C ASP B 15 -8.22 3.25 -21.81
N PRO B 16 -9.47 3.57 -22.19
CA PRO B 16 -10.40 2.54 -22.65
C PRO B 16 -10.10 1.93 -24.02
N ASN B 17 -9.20 2.55 -24.78
CA ASN B 17 -8.85 2.06 -26.11
C ASN B 17 -7.73 1.03 -26.15
N LEU B 18 -7.36 0.51 -24.97
CA LEU B 18 -6.30 -0.48 -24.87
C LEU B 18 -6.78 -1.80 -24.28
N ASN B 19 -6.22 -2.90 -24.76
CA ASN B 19 -6.58 -4.20 -24.22
C ASN B 19 -5.52 -4.49 -23.16
N GLU B 20 -5.66 -5.57 -22.41
CA GLU B 20 -4.69 -5.89 -21.37
C GLU B 20 -3.20 -5.91 -21.81
N GLU B 21 -2.89 -6.56 -22.93
CA GLU B 21 -1.51 -6.62 -23.39
C GLU B 21 -0.91 -5.24 -23.68
N GLN B 22 -1.69 -4.39 -24.35
CA GLN B 22 -1.25 -3.04 -24.71
C GLN B 22 -1.13 -2.12 -23.48
N ARG B 23 -2.03 -2.31 -22.52
CA ARG B 23 -2.01 -1.51 -21.32
C ARG B 23 -0.72 -1.84 -20.59
N ASN B 24 -0.48 -3.14 -20.45
CA ASN B 24 0.71 -3.63 -19.76
C ASN B 24 1.96 -3.13 -20.46
N ALA B 25 1.95 -3.14 -21.78
CA ALA B 25 3.12 -2.68 -22.54
C ALA B 25 3.38 -1.20 -22.30
N LYS B 26 2.31 -0.41 -22.36
CA LYS B 26 2.45 1.03 -22.16
C LYS B 26 2.91 1.39 -20.76
N ILE B 27 2.37 0.69 -19.76
CA ILE B 27 2.74 0.97 -18.38
C ILE B 27 4.20 0.59 -18.12
N LYS B 28 4.63 -0.55 -18.67
CA LYS B 28 6.02 -0.98 -18.55
C LYS B 28 6.97 0.03 -19.19
N SER B 29 6.62 0.54 -20.36
CA SER B 29 7.48 1.53 -21.02
C SER B 29 7.55 2.83 -20.18
N ILE B 30 6.42 3.21 -19.58
CA ILE B 30 6.39 4.41 -18.74
C ILE B 30 7.27 4.15 -17.50
N ARG B 31 7.17 2.93 -16.97
CA ARG B 31 7.94 2.51 -15.81
C ARG B 31 9.47 2.56 -15.99
N ASP B 32 9.93 2.10 -17.13
CA ASP B 32 11.36 2.03 -17.38
C ASP B 32 12.04 3.28 -17.89
N ASP B 33 11.37 4.04 -18.74
CA ASP B 33 11.97 5.24 -19.30
C ASP B 33 11.68 6.50 -18.54
N CYS B 34 11.30 6.36 -17.27
CA CYS B 34 11.00 7.51 -16.43
C CYS B 34 10.41 7.03 -15.10
#